data_5E9K
#
_entry.id   5E9K
#
_cell.length_a   81.331
_cell.length_b   96.181
_cell.length_c   57.794
_cell.angle_alpha   90.000
_cell.angle_beta   90.000
_cell.angle_gamma   90.000
#
_symmetry.space_group_name_H-M   'C 2 2 21'
#
loop_
_entity.id
_entity.type
_entity.pdbx_description
1 polymer 'Bromodomain adjacent to zinc finger domain protein 2B'
2 non-polymer 2-chloro-1H-imidazole
3 water water
#
_entity_poly.entity_id   1
_entity_poly.type   'polypeptide(L)'
_entity_poly.pdbx_seq_one_letter_code
;SMSVKKPKRDDSKDLALCSMILTEMETHEDAWPFLLPVNLKLVPGYKKVIKKPMDFSTIREKLSSGQYPNLETFALDVRL
VFDNCETFNEDDSDIGRAGHNMRKYFEKKWTDTFKV
;
_entity_poly.pdbx_strand_id   A
#
loop_
_chem_comp.id
_chem_comp.type
_chem_comp.name
_chem_comp.formula
5KX non-polymer 2-chloro-1H-imidazole 'C3 H3 Cl N2'
#
# COMPACT_ATOMS: atom_id res chain seq x y z
N SER A 1 12.10 -5.06 28.24
CA SER A 1 11.68 -4.15 29.30
C SER A 1 12.80 -3.17 29.61
N MET A 2 12.64 -2.41 30.69
CA MET A 2 13.60 -1.38 31.08
C MET A 2 15.03 -1.92 31.21
N SER A 3 15.95 -1.37 30.43
CA SER A 3 17.36 -1.79 30.40
C SER A 3 17.55 -3.24 29.93
N VAL A 4 16.55 -3.78 29.25
CA VAL A 4 16.67 -5.11 28.66
C VAL A 4 16.35 -4.95 27.18
N LYS A 5 17.38 -4.64 26.40
CA LYS A 5 17.19 -4.33 25.00
C LYS A 5 17.26 -5.60 24.16
N LYS A 6 16.23 -5.76 23.36
CA LYS A 6 16.15 -6.82 22.38
C LYS A 6 17.04 -6.42 21.20
N PRO A 7 17.79 -7.38 20.63
CA PRO A 7 18.48 -7.04 19.38
C PRO A 7 17.44 -6.69 18.33
N LYS A 8 17.65 -5.59 17.60
CA LYS A 8 16.67 -5.19 16.59
C LYS A 8 17.33 -5.07 15.22
N ARG A 9 16.55 -5.34 14.17
CA ARG A 9 17.07 -5.34 12.82
C ARG A 9 17.52 -3.95 12.40
N ASP A 10 18.53 -3.91 11.53
CA ASP A 10 19.00 -2.68 10.90
C ASP A 10 17.88 -2.09 10.05
N ASP A 11 17.38 -0.92 10.46
CA ASP A 11 16.25 -0.30 9.78
C ASP A 11 16.69 0.88 8.91
N SER A 12 17.99 1.09 8.80
CA SER A 12 18.52 2.32 8.22
C SER A 12 18.28 2.45 6.73
N LYS A 13 17.94 1.34 6.06
CA LYS A 13 17.69 1.42 4.64
C LYS A 13 16.23 1.20 4.30
N ASP A 14 15.38 1.19 5.32
CA ASP A 14 13.95 0.90 5.12
C ASP A 14 13.27 1.90 4.21
N LEU A 15 13.60 3.17 4.39
CA LEU A 15 12.98 4.25 3.62
C LEU A 15 13.25 4.07 2.13
N ALA A 16 14.51 3.84 1.79
CA ALA A 16 14.92 3.63 0.40
C ALA A 16 14.33 2.36 -0.20
N LEU A 17 14.18 1.33 0.61
CA LEU A 17 13.60 0.07 0.15
C LEU A 17 12.09 0.20 -0.08
N CYS A 18 11.38 0.80 0.88
CA CYS A 18 9.94 1.03 0.72
C CYS A 18 9.69 1.91 -0.51
N SER A 19 10.58 2.87 -0.73
CA SER A 19 10.45 3.75 -1.90
C SER A 19 10.61 2.96 -3.20
N MET A 20 11.59 2.06 -3.21
CA MET A 20 11.84 1.18 -4.34
C MET A 20 10.64 0.27 -4.63
N ILE A 21 10.09 -0.33 -3.58
CA ILE A 21 8.93 -1.19 -3.72
C ILE A 21 7.75 -0.40 -4.26
N LEU A 22 7.58 0.83 -3.76
CA LEU A 22 6.47 1.68 -4.17
C LEU A 22 6.60 2.06 -5.64
N THR A 23 7.83 2.34 -6.07
CA THR A 23 8.10 2.68 -7.47
C THR A 23 7.72 1.52 -8.40
N GLU A 24 8.02 0.30 -7.96
CA GLU A 24 7.67 -0.87 -8.75
C GLU A 24 6.16 -1.08 -8.77
N MET A 25 5.48 -0.74 -7.67
CA MET A 25 4.02 -0.79 -7.66
C MET A 25 3.46 0.19 -8.69
N GLU A 26 3.94 1.44 -8.62
CA GLU A 26 3.46 2.52 -9.48
C GLU A 26 3.65 2.22 -10.97
N THR A 27 4.68 1.44 -11.32
CA THR A 27 4.99 1.17 -12.72
C THR A 27 4.40 -0.16 -13.25
N HIS A 28 3.76 -0.92 -12.36
CA HIS A 28 3.06 -2.15 -12.75
C HIS A 28 1.93 -1.78 -13.69
N GLU A 29 1.66 -2.61 -14.69
CA GLU A 29 0.64 -2.22 -15.68
C GLU A 29 -0.79 -2.22 -15.07
N ASP A 30 -1.00 -3.01 -14.02
CA ASP A 30 -2.31 -3.05 -13.36
C ASP A 30 -2.43 -2.02 -12.22
N ALA A 31 -1.54 -1.03 -12.19
CA ALA A 31 -1.54 -0.03 -11.10
C ALA A 31 -2.55 1.09 -11.33
N TRP A 32 -3.06 1.20 -12.56
CA TRP A 32 -3.91 2.32 -12.94
C TRP A 32 -5.14 2.61 -12.03
N PRO A 33 -5.76 1.59 -11.39
CA PRO A 33 -6.86 2.02 -10.53
C PRO A 33 -6.39 2.67 -9.22
N PHE A 34 -5.11 2.57 -8.90
CA PHE A 34 -4.64 2.91 -7.55
C PHE A 34 -3.65 4.06 -7.53
N LEU A 35 -3.42 4.66 -8.69
CA LEU A 35 -2.39 5.68 -8.80
C LEU A 35 -2.82 6.99 -8.14
N LEU A 36 -4.12 7.28 -8.21
CA LEU A 36 -4.67 8.53 -7.67
C LEU A 36 -5.82 8.25 -6.73
N PRO A 37 -6.17 9.20 -5.86
CA PRO A 37 -7.32 8.94 -4.99
C PRO A 37 -8.57 8.64 -5.81
N VAL A 38 -9.45 7.78 -5.31
CA VAL A 38 -10.73 7.59 -5.98
C VAL A 38 -11.50 8.92 -5.91
N ASN A 39 -12.11 9.31 -7.02
CA ASN A 39 -12.84 10.58 -7.08
C ASN A 39 -14.15 10.50 -6.28
N LEU A 40 -14.16 11.15 -5.12
CA LEU A 40 -15.28 11.02 -4.20
C LEU A 40 -16.58 11.65 -4.70
N LYS A 41 -16.46 12.53 -5.69
CA LYS A 41 -17.62 13.22 -6.23
C LYS A 41 -18.06 12.66 -7.58
N LEU A 42 -17.34 11.64 -8.06
CA LEU A 42 -17.69 10.99 -9.32
C LEU A 42 -17.93 9.50 -9.14
N VAL A 43 -17.65 8.97 -7.96
CA VAL A 43 -17.88 7.55 -7.72
C VAL A 43 -18.85 7.39 -6.56
N PRO A 44 -20.13 7.15 -6.91
CA PRO A 44 -21.24 6.98 -5.97
C PRO A 44 -20.98 5.87 -4.96
N GLY A 45 -21.23 6.14 -3.69
CA GLY A 45 -21.03 5.16 -2.64
C GLY A 45 -19.67 5.21 -1.96
N TYR A 46 -18.64 5.61 -2.69
CA TYR A 46 -17.28 5.43 -2.18
C TYR A 46 -17.02 6.14 -0.84
N LYS A 47 -17.44 7.41 -0.73
CA LYS A 47 -17.13 8.15 0.48
C LYS A 47 -17.82 7.55 1.70
N LYS A 48 -19.08 7.17 1.53
CA LYS A 48 -19.85 6.60 2.64
C LYS A 48 -19.31 5.23 3.07
N VAL A 49 -19.07 4.37 2.09
CA VAL A 49 -18.66 2.98 2.30
C VAL A 49 -17.20 2.79 2.74
N ILE A 50 -16.27 3.52 2.12
CA ILE A 50 -14.83 3.33 2.39
C ILE A 50 -14.35 4.38 3.38
N LYS A 51 -14.19 4.00 4.64
CA LYS A 51 -13.91 4.97 5.70
C LYS A 51 -12.49 5.54 5.69
N LYS A 52 -11.53 4.78 5.14
CA LYS A 52 -10.15 5.27 5.02
C LYS A 52 -9.63 5.07 3.60
N PRO A 53 -9.91 6.03 2.70
CA PRO A 53 -9.39 5.87 1.35
C PRO A 53 -7.87 5.96 1.31
N MET A 54 -7.24 5.29 0.36
CA MET A 54 -5.80 5.31 0.23
C MET A 54 -5.44 4.93 -1.20
N ASP A 55 -4.37 5.51 -1.73
CA ASP A 55 -3.88 5.23 -3.08
C ASP A 55 -2.37 5.39 -3.10
N PHE A 56 -1.72 5.02 -4.20
CA PHE A 56 -0.25 5.06 -4.27
C PHE A 56 0.30 6.49 -4.14
N SER A 57 -0.38 7.46 -4.73
CA SER A 57 0.15 8.81 -4.74
C SER A 57 0.11 9.40 -3.32
N THR A 58 -0.90 9.04 -2.53
CA THR A 58 -0.99 9.49 -1.15
C THR A 58 0.10 8.80 -0.32
N ILE A 59 0.27 7.51 -0.56
CA ILE A 59 1.35 6.76 0.08
C ILE A 59 2.69 7.40 -0.26
N ARG A 60 2.89 7.75 -1.53
CA ARG A 60 4.14 8.36 -1.98
C ARG A 60 4.36 9.71 -1.28
N GLU A 61 3.28 10.44 -1.03
CA GLU A 61 3.38 11.73 -0.36
C GLU A 61 3.78 11.57 1.10
N LYS A 62 3.12 10.66 1.81
CA LYS A 62 3.46 10.36 3.20
C LYS A 62 4.89 9.81 3.33
N LEU A 63 5.34 9.02 2.36
CA LEU A 63 6.69 8.47 2.42
C LEU A 63 7.74 9.57 2.23
N SER A 64 7.48 10.49 1.31
CA SER A 64 8.39 11.61 1.01
C SER A 64 8.43 12.68 2.11
N SER A 65 7.48 12.63 3.04
CA SER A 65 7.38 13.70 4.03
C SER A 65 7.43 13.18 5.47
N GLY A 66 7.98 11.97 5.64
CA GLY A 66 8.26 11.42 6.96
C GLY A 66 7.03 11.08 7.79
N GLN A 67 5.96 10.67 7.12
CA GLN A 67 4.71 10.37 7.81
C GLN A 67 4.52 8.88 8.13
N TYR A 68 5.47 8.03 7.73
CA TYR A 68 5.49 6.65 8.22
C TYR A 68 6.55 6.48 9.29
N PRO A 69 6.12 6.14 10.51
CA PRO A 69 7.05 5.94 11.63
C PRO A 69 7.97 4.73 11.41
N ASN A 70 7.45 3.69 10.77
CA ASN A 70 8.22 2.48 10.54
C ASN A 70 7.70 1.75 9.30
N LEU A 71 8.43 0.73 8.86
CA LEU A 71 8.04 0.06 7.62
C LEU A 71 6.70 -0.66 7.76
N GLU A 72 6.32 -1.02 8.99
CA GLU A 72 5.05 -1.72 9.19
C GLU A 72 3.85 -0.81 8.95
N THR A 73 3.98 0.48 9.27
CA THR A 73 2.90 1.42 9.01
C THR A 73 2.76 1.66 7.50
N PHE A 74 3.87 1.65 6.79
CA PHE A 74 3.84 1.73 5.33
C PHE A 74 3.08 0.53 4.70
N ALA A 75 3.40 -0.69 5.15
CA ALA A 75 2.73 -1.88 4.63
C ALA A 75 1.23 -1.86 4.96
N LEU A 76 0.87 -1.24 6.08
CA LEU A 76 -0.55 -1.09 6.43
C LEU A 76 -1.30 -0.24 5.41
N ASP A 77 -0.72 0.88 5.00
CA ASP A 77 -1.34 1.73 3.98
C ASP A 77 -1.44 1.03 2.62
N VAL A 78 -0.39 0.29 2.25
CA VAL A 78 -0.42 -0.40 0.98
C VAL A 78 -1.54 -1.45 1.00
N ARG A 79 -1.64 -2.21 2.10
CA ARG A 79 -2.66 -3.26 2.17
C ARG A 79 -4.04 -2.65 2.20
N LEU A 80 -4.14 -1.45 2.78
CA LEU A 80 -5.40 -0.72 2.88
C LEU A 80 -5.95 -0.43 1.49
N VAL A 81 -5.05 -0.08 0.57
CA VAL A 81 -5.41 0.14 -0.82
C VAL A 81 -6.15 -1.07 -1.39
N PHE A 82 -5.61 -2.26 -1.15
CA PHE A 82 -6.19 -3.48 -1.75
C PHE A 82 -7.41 -3.99 -0.97
N ASP A 83 -7.42 -3.71 0.32
CA ASP A 83 -8.57 -4.01 1.16
C ASP A 83 -9.76 -3.12 0.78
N ASN A 84 -9.52 -1.85 0.50
CA ASN A 84 -10.59 -0.98 -0.01
C ASN A 84 -11.08 -1.47 -1.37
N CYS A 85 -10.15 -1.90 -2.20
CA CYS A 85 -10.48 -2.37 -3.53
C CYS A 85 -11.40 -3.58 -3.45
N GLU A 86 -11.08 -4.52 -2.55
CA GLU A 86 -11.88 -5.74 -2.40
C GLU A 86 -13.27 -5.42 -1.90
N THR A 87 -13.35 -4.48 -0.95
CA THR A 87 -14.62 -4.05 -0.38
C THR A 87 -15.56 -3.53 -1.46
N PHE A 88 -15.02 -2.72 -2.37
CA PHE A 88 -15.87 -1.97 -3.29
C PHE A 88 -16.07 -2.66 -4.64
N ASN A 89 -15.12 -3.48 -5.05
CA ASN A 89 -15.16 -4.04 -6.40
C ASN A 89 -15.30 -5.57 -6.42
N GLU A 90 -16.03 -6.07 -7.41
CA GLU A 90 -16.19 -7.51 -7.59
CA GLU A 90 -16.19 -7.50 -7.60
C GLU A 90 -14.86 -8.13 -8.00
N ASP A 91 -14.59 -9.33 -7.49
CA ASP A 91 -13.36 -10.05 -7.86
C ASP A 91 -13.21 -10.19 -9.36
N ASP A 92 -14.35 -10.35 -10.05
CA ASP A 92 -14.38 -10.55 -11.49
C ASP A 92 -13.93 -9.31 -12.27
N SER A 93 -14.30 -8.13 -11.78
CA SER A 93 -14.10 -6.88 -12.52
C SER A 93 -12.63 -6.60 -12.81
N ASP A 94 -12.40 -5.67 -13.73
CA ASP A 94 -11.05 -5.27 -14.09
C ASP A 94 -10.31 -4.68 -12.92
N ILE A 95 -11.00 -3.81 -12.17
CA ILE A 95 -10.43 -3.17 -11.00
C ILE A 95 -10.21 -4.20 -9.88
N GLY A 96 -11.20 -5.04 -9.67
CA GLY A 96 -11.11 -6.10 -8.67
C GLY A 96 -9.96 -7.05 -8.92
N ARG A 97 -9.77 -7.46 -10.17
CA ARG A 97 -8.68 -8.38 -10.47
C ARG A 97 -7.34 -7.65 -10.39
N ALA A 98 -7.31 -6.39 -10.83
CA ALA A 98 -6.13 -5.55 -10.70
C ALA A 98 -5.68 -5.56 -9.26
N GLY A 99 -6.65 -5.42 -8.35
CA GLY A 99 -6.35 -5.38 -6.93
C GLY A 99 -5.69 -6.64 -6.41
N HIS A 100 -6.25 -7.79 -6.72
CA HIS A 100 -5.69 -9.07 -6.30
C HIS A 100 -4.27 -9.27 -6.87
N ASN A 101 -4.11 -8.95 -8.15
CA ASN A 101 -2.80 -8.99 -8.79
C ASN A 101 -1.78 -8.12 -8.04
N MET A 102 -2.16 -6.87 -7.76
CA MET A 102 -1.23 -5.92 -7.14
C MET A 102 -0.86 -6.34 -5.72
N ARG A 103 -1.84 -6.90 -5.01
CA ARG A 103 -1.57 -7.37 -3.65
C ARG A 103 -0.55 -8.50 -3.67
N LYS A 104 -0.75 -9.44 -4.58
CA LYS A 104 0.15 -10.58 -4.70
C LYS A 104 1.54 -10.06 -5.04
N TYR A 105 1.59 -9.14 -6.00
CA TYR A 105 2.84 -8.53 -6.44
C TYR A 105 3.55 -7.82 -5.27
N PHE A 106 2.79 -7.07 -4.47
CA PHE A 106 3.35 -6.41 -3.29
C PHE A 106 3.87 -7.38 -2.26
N GLU A 107 3.07 -8.38 -1.92
CA GLU A 107 3.42 -9.24 -0.79
C GLU A 107 4.69 -10.04 -1.05
N LYS A 108 4.94 -10.40 -2.31
CA LYS A 108 6.17 -11.12 -2.61
C LYS A 108 7.38 -10.19 -2.43
N LYS A 109 7.27 -8.98 -2.95
CA LYS A 109 8.35 -8.02 -2.82
C LYS A 109 8.62 -7.70 -1.37
N TRP A 110 7.56 -7.66 -0.57
CA TRP A 110 7.69 -7.40 0.85
C TRP A 110 8.51 -8.50 1.53
N THR A 111 8.17 -9.75 1.23
CA THR A 111 8.86 -10.89 1.80
C THR A 111 10.31 -10.95 1.33
N ASP A 112 10.49 -10.82 0.02
CA ASP A 112 11.82 -10.89 -0.59
C ASP A 112 12.74 -9.81 -0.05
N THR A 113 12.20 -8.60 0.08
CA THR A 113 12.99 -7.45 0.48
C THR A 113 13.36 -7.51 1.96
N PHE A 114 12.43 -7.92 2.81
CA PHE A 114 12.61 -7.71 4.24
C PHE A 114 12.71 -8.98 5.10
N LYS A 115 11.96 -10.02 4.75
CA LYS A 115 11.97 -11.22 5.57
C LYS A 115 13.19 -12.08 5.22
N VAL A 116 14.32 -11.72 5.82
CA VAL A 116 15.63 -12.32 5.53
C VAL A 116 15.98 -12.24 4.04
CL1 5KX B . -9.72 1.53 -7.13
C02 5KX B . -11.42 1.93 -7.18
N03 5KX B . -12.41 1.29 -6.51
C04 5KX B . -13.58 1.89 -6.81
C05 5KX B . -13.32 2.90 -7.70
N06 5KX B . -11.99 2.91 -7.91
#